data_6JEW
#
_entry.id   6JEW
#
_cell.length_a   39.493
_cell.length_b   39.493
_cell.length_c   187.119
_cell.angle_alpha   90.000
_cell.angle_beta   90.000
_cell.angle_gamma   120.000
#
_symmetry.space_group_name_H-M   'P 32'
#
loop_
_entity.id
_entity.type
_entity.pdbx_description
1 polymer 'Peptide deformylase'
2 non-polymer 'ZINC ION'
3 non-polymer 'S-(2-oxo-2-phenylethyl) (2R)-2-benzyl-4,4,4-trifluorobutanethioate'
4 water water
#
_entity_poly.entity_id   1
_entity_poly.type   'polypeptide(L)'
_entity_poly.pdbx_seq_one_letter_code
;LLPILSFPDPRLRTIAKPVEEVTDEIRQLAADMFETMYAAPGIGLAASQVDRHIQLIVMDLSESKDEPMVFINPKVTPLT
EETQPYEEGCLSVPQIYDKVDRPSRVKIEAINLEGQAFEIEADGLLAVCIQHEMDHLNGKLFVDYLSPLKRQRAREKVEK
IVRQREREKVA
;
_entity_poly.pdbx_strand_id   A,B
#
loop_
_chem_comp.id
_chem_comp.type
_chem_comp.name
_chem_comp.formula
K3U non-polymer 'S-(2-oxo-2-phenylethyl) (2R)-2-benzyl-4,4,4-trifluorobutanethioate' 'C19 H17 F3 O2 S'
ZN non-polymer 'ZINC ION' 'Zn 2'
#
# COMPACT_ATOMS: atom_id res chain seq x y z
N LEU A 1 -0.97 -26.35 -6.96
CA LEU A 1 -1.05 -25.63 -5.64
C LEU A 1 0.16 -24.74 -5.45
N LEU A 2 -0.06 -23.45 -5.16
CA LEU A 2 1.05 -22.48 -4.99
C LEU A 2 1.96 -22.91 -3.82
N PRO A 3 3.28 -22.78 -4.01
CA PRO A 3 4.13 -23.10 -2.88
C PRO A 3 4.10 -21.97 -1.81
N ILE A 4 4.04 -22.38 -0.54
CA ILE A 4 4.03 -21.46 0.60
C ILE A 4 5.44 -21.27 1.11
N LEU A 5 5.88 -20.03 1.21
CA LEU A 5 7.17 -19.71 1.80
C LEU A 5 7.23 -20.08 3.25
N SER A 6 8.42 -20.52 3.66
CA SER A 6 8.65 -20.97 5.04
C SER A 6 9.65 -20.12 5.77
N PHE A 7 9.35 -19.86 7.03
CA PHE A 7 10.27 -19.25 7.95
C PHE A 7 11.55 -20.14 7.92
N PRO A 8 12.75 -19.60 7.72
CA PRO A 8 13.08 -18.17 7.90
C PRO A 8 13.24 -17.34 6.62
N ASP A 9 12.68 -17.80 5.49
CA ASP A 9 12.82 -17.17 4.17
C ASP A 9 12.71 -15.66 4.25
N PRO A 10 13.68 -14.93 3.65
CA PRO A 10 13.64 -13.48 3.86
C PRO A 10 12.47 -12.79 3.13
N ARG A 11 11.96 -13.40 2.07
CA ARG A 11 10.86 -12.84 1.31
C ARG A 11 9.58 -12.69 2.14
N LEU A 12 9.49 -13.35 3.30
CA LEU A 12 8.31 -13.20 4.21
C LEU A 12 8.32 -11.89 4.96
N ARG A 13 9.45 -11.17 4.88
CA ARG A 13 9.61 -9.87 5.52
C ARG A 13 9.23 -8.71 4.60
N THR A 14 9.05 -8.97 3.30
CA THR A 14 8.59 -7.98 2.30
C THR A 14 7.25 -7.34 2.75
N ILE A 15 7.16 -6.01 2.64
CA ILE A 15 5.97 -5.21 2.95
C ILE A 15 5.17 -5.24 1.68
N ALA A 16 3.92 -5.66 1.75
CA ALA A 16 3.13 -5.80 0.51
C ALA A 16 2.76 -4.45 -0.16
N LYS A 17 2.65 -4.45 -1.50
CA LYS A 17 2.14 -3.31 -2.25
C LYS A 17 0.58 -3.36 -2.33
N PRO A 18 -0.12 -2.20 -2.21
CA PRO A 18 -1.58 -2.12 -2.52
C PRO A 18 -1.96 -2.74 -3.87
N VAL A 19 -3.15 -3.29 -3.97
CA VAL A 19 -3.66 -3.76 -5.27
C VAL A 19 -4.21 -2.57 -6.06
N GLU A 20 -3.62 -2.33 -7.24
CA GLU A 20 -3.99 -1.24 -8.16
C GLU A 20 -5.45 -1.37 -8.60
N GLU A 21 -5.79 -2.52 -9.15
CA GLU A 21 -7.16 -2.78 -9.56
C GLU A 21 -7.46 -4.27 -9.43
N VAL A 22 -8.69 -4.57 -9.06
CA VAL A 22 -9.06 -5.95 -8.87
C VAL A 22 -9.33 -6.45 -10.27
N THR A 23 -8.24 -6.87 -10.93
CA THR A 23 -8.26 -7.44 -12.28
C THR A 23 -8.45 -8.95 -12.19
N ASP A 24 -8.56 -9.62 -13.33
CA ASP A 24 -8.88 -11.03 -13.27
C ASP A 24 -7.64 -11.92 -12.93
N GLU A 25 -6.43 -11.37 -13.07
CA GLU A 25 -5.22 -12.04 -12.55
C GLU A 25 -5.25 -12.09 -11.00
N ILE A 26 -5.72 -11.05 -10.32
CA ILE A 26 -5.81 -11.16 -8.85
C ILE A 26 -7.01 -12.02 -8.44
N ARG A 27 -8.06 -12.07 -9.24
CA ARG A 27 -9.17 -13.01 -9.00
C ARG A 27 -8.71 -14.47 -9.10
N GLN A 28 -7.85 -14.78 -10.08
CA GLN A 28 -7.26 -16.11 -10.24
C GLN A 28 -6.21 -16.42 -9.12
N LEU A 29 -5.45 -15.42 -8.73
CA LEU A 29 -4.50 -15.61 -7.62
C LEU A 29 -5.31 -15.95 -6.38
N ALA A 30 -6.43 -15.22 -6.14
CA ALA A 30 -7.23 -15.52 -4.95
C ALA A 30 -7.77 -16.92 -4.90
N ALA A 31 -8.28 -17.41 -6.04
CA ALA A 31 -8.79 -18.74 -6.07
C ALA A 31 -7.64 -19.77 -5.81
N ASP A 32 -6.45 -19.54 -6.36
CA ASP A 32 -5.30 -20.46 -6.15
C ASP A 32 -4.87 -20.39 -4.68
N MET A 33 -4.93 -19.18 -4.10
CA MET A 33 -4.68 -18.99 -2.64
C MET A 33 -5.63 -19.76 -1.82
N PHE A 34 -6.93 -19.69 -2.11
CA PHE A 34 -7.88 -20.53 -1.42
C PHE A 34 -7.52 -22.01 -1.54
N GLU A 35 -7.24 -22.44 -2.78
CA GLU A 35 -6.84 -23.86 -3.07
C GLU A 35 -5.67 -24.30 -2.18
N THR A 36 -4.63 -23.46 -2.16
CA THR A 36 -3.43 -23.73 -1.44
C THR A 36 -3.81 -23.83 0.02
N MET A 37 -4.60 -22.85 0.53
CA MET A 37 -4.99 -22.78 1.95
C MET A 37 -5.87 -23.97 2.36
N TYR A 38 -6.84 -24.28 1.51
CA TYR A 38 -7.75 -25.42 1.76
C TYR A 38 -6.98 -26.76 1.78
N ALA A 39 -6.01 -26.90 0.89
CA ALA A 39 -5.19 -28.12 0.85
C ALA A 39 -4.37 -28.29 2.13
N ALA A 40 -3.88 -27.19 2.70
CA ALA A 40 -2.87 -27.29 3.77
C ALA A 40 -3.16 -28.35 4.83
N PRO A 41 -4.28 -28.28 5.54
CA PRO A 41 -5.28 -27.22 5.52
C PRO A 41 -4.89 -25.99 6.38
N GLY A 42 -5.44 -24.82 6.06
CA GLY A 42 -5.36 -23.69 6.95
C GLY A 42 -6.64 -22.87 6.91
N ILE A 43 -6.71 -21.84 7.74
CA ILE A 43 -7.88 -20.95 7.76
C ILE A 43 -7.60 -19.55 7.22
N GLY A 44 -6.37 -19.25 6.81
CA GLY A 44 -5.99 -17.91 6.39
C GLY A 44 -4.69 -17.99 5.61
N LEU A 45 -4.58 -17.14 4.60
CA LEU A 45 -3.34 -17.05 3.83
C LEU A 45 -3.24 -15.66 3.19
N ALA A 46 -2.07 -15.00 3.40
CA ALA A 46 -1.76 -13.68 2.86
C ALA A 46 -0.93 -13.92 1.61
N ALA A 47 -1.05 -13.03 0.63
CA ALA A 47 -0.39 -13.23 -0.66
C ALA A 47 1.16 -13.28 -0.57
N SER A 48 1.68 -12.52 0.38
CA SER A 48 3.08 -12.55 0.81
C SER A 48 3.63 -13.93 1.03
N GLN A 49 2.78 -14.80 1.60
CA GLN A 49 3.11 -16.23 1.82
C GLN A 49 3.30 -17.11 0.59
N VAL A 50 2.78 -16.67 -0.54
CA VAL A 50 3.01 -17.35 -1.83
C VAL A 50 3.88 -16.48 -2.73
N ASP A 51 4.69 -15.63 -2.13
CA ASP A 51 5.66 -14.77 -2.81
C ASP A 51 5.00 -13.85 -3.86
N ARG A 52 3.78 -13.39 -3.56
CA ARG A 52 3.14 -12.37 -4.35
C ARG A 52 2.92 -11.24 -3.38
N HIS A 53 3.75 -10.23 -3.44
CA HIS A 53 3.77 -9.21 -2.42
C HIS A 53 2.79 -8.09 -2.75
N ILE A 54 1.49 -8.43 -2.67
CA ILE A 54 0.38 -7.51 -2.78
C ILE A 54 -0.59 -7.65 -1.60
N GLN A 55 -1.39 -6.62 -1.34
CA GLN A 55 -2.29 -6.59 -0.17
C GLN A 55 -3.60 -7.38 -0.45
N LEU A 56 -3.47 -8.69 -0.45
CA LEU A 56 -4.53 -9.69 -0.59
C LEU A 56 -4.41 -10.76 0.50
N ILE A 57 -5.51 -10.96 1.24
CA ILE A 57 -5.64 -12.00 2.22
C ILE A 57 -6.86 -12.88 1.85
N VAL A 58 -6.74 -14.21 1.85
CA VAL A 58 -7.88 -15.11 1.75
C VAL A 58 -8.07 -15.78 3.10
N MET A 59 -9.31 -16.07 3.42
CA MET A 59 -9.63 -16.55 4.74
C MET A 59 -10.92 -17.42 4.66
N ASP A 60 -10.98 -18.50 5.42
CA ASP A 60 -12.24 -19.28 5.55
C ASP A 60 -12.19 -19.92 6.91
N LEU A 61 -12.94 -19.33 7.82
CA LEU A 61 -12.96 -19.81 9.19
C LEU A 61 -13.93 -20.99 9.38
N SER A 62 -14.57 -21.49 8.32
CA SER A 62 -15.67 -22.49 8.48
C SER A 62 -15.20 -23.92 8.51
N GLU A 63 -15.60 -24.64 9.57
CA GLU A 63 -15.47 -26.12 9.63
C GLU A 63 -15.92 -26.82 8.36
N SER A 64 -16.75 -26.17 7.54
CA SER A 64 -17.16 -26.72 6.24
C SER A 64 -16.30 -26.36 5.06
N LYS A 65 -15.36 -25.40 5.19
CA LYS A 65 -14.53 -24.96 4.02
C LYS A 65 -15.37 -24.38 2.90
N ASP A 66 -16.47 -23.71 3.30
CA ASP A 66 -17.42 -23.08 2.38
C ASP A 66 -17.95 -21.69 2.88
N GLU A 67 -17.27 -21.04 3.84
CA GLU A 67 -17.40 -19.57 4.11
C GLU A 67 -16.14 -18.76 3.73
N PRO A 68 -15.83 -18.66 2.42
CA PRO A 68 -14.63 -17.91 1.99
C PRO A 68 -14.79 -16.36 2.05
N MET A 69 -13.73 -15.67 2.50
CA MET A 69 -13.71 -14.24 2.62
C MET A 69 -12.46 -13.73 1.96
N VAL A 70 -12.55 -12.57 1.32
CA VAL A 70 -11.41 -11.89 0.73
C VAL A 70 -11.24 -10.50 1.29
N PHE A 71 -9.98 -10.13 1.58
CA PHE A 71 -9.66 -8.77 2.02
C PHE A 71 -8.56 -8.22 1.09
N ILE A 72 -8.87 -7.16 0.35
CA ILE A 72 -7.92 -6.46 -0.49
C ILE A 72 -7.75 -5.07 0.06
N ASN A 73 -6.45 -4.67 0.16
CA ASN A 73 -6.01 -3.41 0.71
C ASN A 73 -6.53 -3.11 2.07
N PRO A 74 -6.38 -4.06 2.99
CA PRO A 74 -7.15 -3.89 4.23
C PRO A 74 -6.58 -2.89 5.23
N LYS A 75 -7.46 -2.30 6.02
CA LYS A 75 -7.09 -1.50 7.17
C LYS A 75 -7.72 -2.02 8.40
N VAL A 76 -6.91 -2.25 9.41
CA VAL A 76 -7.42 -2.80 10.65
C VAL A 76 -7.12 -1.84 11.75
N THR A 77 -8.14 -1.62 12.62
CA THR A 77 -8.00 -0.72 13.77
C THR A 77 -8.62 -1.32 15.02
N PRO A 78 -7.83 -1.42 16.11
CA PRO A 78 -8.42 -2.02 17.30
C PRO A 78 -9.53 -1.11 17.82
N LEU A 79 -10.53 -1.70 18.43
CA LEU A 79 -11.61 -0.99 19.10
C LEU A 79 -11.48 -1.16 20.61
N THR A 80 -10.24 -1.11 21.12
CA THR A 80 -9.93 -1.18 22.56
C THR A 80 -8.44 -1.02 22.78
N THR A 83 -6.88 -7.21 25.39
CA THR A 83 -6.51 -8.32 24.50
C THR A 83 -7.18 -9.67 24.89
N GLN A 84 -6.98 -10.69 24.06
CA GLN A 84 -7.45 -12.07 24.34
C GLN A 84 -6.37 -13.04 23.93
N PRO A 85 -6.21 -14.17 24.64
CA PRO A 85 -5.24 -15.17 24.18
C PRO A 85 -5.80 -16.06 23.09
N TYR A 86 -4.93 -16.52 22.18
CA TYR A 86 -5.33 -17.53 21.23
C TYR A 86 -4.11 -18.33 20.77
N GLU A 87 -4.33 -19.64 20.57
CA GLU A 87 -3.30 -20.54 20.08
C GLU A 87 -3.18 -20.42 18.55
N GLU A 88 -2.24 -19.59 18.10
CA GLU A 88 -2.05 -19.31 16.67
C GLU A 88 -1.07 -20.25 16.02
N GLY A 89 -1.42 -20.71 14.81
CA GLY A 89 -0.44 -21.25 13.89
C GLY A 89 -0.33 -20.43 12.61
N CYS A 90 0.33 -21.02 11.61
CA CYS A 90 0.67 -20.31 10.39
C CYS A 90 1.23 -21.28 9.38
N LEU A 91 0.67 -21.30 8.17
CA LEU A 91 1.18 -22.18 7.14
C LEU A 91 2.61 -21.87 6.78
N SER A 92 3.12 -20.71 7.08
CA SER A 92 4.52 -20.38 6.81
C SER A 92 5.44 -20.67 8.03
N VAL A 93 4.84 -21.16 9.12
CA VAL A 93 5.55 -21.70 10.29
C VAL A 93 4.96 -23.09 10.61
N PRO A 94 5.08 -24.02 9.63
CA PRO A 94 4.29 -25.26 9.62
C PRO A 94 4.37 -26.14 10.88
N GLN A 95 3.21 -26.59 11.35
CA GLN A 95 3.14 -27.52 12.48
C GLN A 95 3.79 -26.94 13.75
N ILE A 96 3.74 -25.61 13.90
CA ILE A 96 4.12 -24.88 15.14
C ILE A 96 2.91 -24.04 15.60
N TYR A 97 2.40 -24.30 16.82
CA TYR A 97 1.30 -23.50 17.41
C TYR A 97 1.70 -22.89 18.76
N ASP A 98 1.36 -21.64 19.02
CA ASP A 98 1.63 -21.01 20.34
C ASP A 98 0.64 -19.88 20.65
N LYS A 99 0.70 -19.36 21.88
CA LYS A 99 -0.18 -18.26 22.35
C LYS A 99 0.34 -16.85 21.98
N VAL A 100 -0.47 -16.07 21.28
CA VAL A 100 -0.20 -14.65 21.07
C VAL A 100 -1.43 -13.84 21.57
N ASP A 101 -1.16 -12.65 22.07
CA ASP A 101 -2.17 -11.81 22.75
C ASP A 101 -2.41 -10.51 21.99
N ARG A 102 -3.59 -10.43 21.39
CA ARG A 102 -3.92 -9.38 20.42
C ARG A 102 -5.16 -8.62 20.87
N PRO A 103 -5.27 -7.33 20.49
CA PRO A 103 -6.56 -6.64 20.68
C PRO A 103 -7.75 -7.53 20.25
N SER A 104 -8.76 -7.64 21.12
CA SER A 104 -9.83 -8.66 20.94
C SER A 104 -11.00 -8.20 20.10
N ARG A 105 -11.09 -6.91 19.82
CA ARG A 105 -12.15 -6.32 18.99
C ARG A 105 -11.49 -5.37 18.04
N VAL A 106 -11.79 -5.49 16.75
CA VAL A 106 -11.17 -4.63 15.72
C VAL A 106 -12.20 -4.28 14.66
N LYS A 107 -11.91 -3.24 13.89
CA LYS A 107 -12.71 -2.86 12.74
C LYS A 107 -11.92 -3.14 11.49
N ILE A 108 -12.55 -3.73 10.47
CA ILE A 108 -11.87 -4.03 9.22
C ILE A 108 -12.51 -3.25 8.10
N GLU A 109 -11.67 -2.53 7.34
CA GLU A 109 -12.04 -1.90 6.10
C GLU A 109 -11.20 -2.46 5.00
N ALA A 110 -11.84 -2.93 3.93
CA ALA A 110 -11.11 -3.58 2.83
C ALA A 110 -11.96 -3.54 1.60
N ILE A 111 -11.43 -4.03 0.48
CA ILE A 111 -12.24 -4.21 -0.71
C ILE A 111 -12.36 -5.70 -1.01
N ASN A 112 -13.44 -6.08 -1.72
CA ASN A 112 -13.68 -7.49 -2.07
C ASN A 112 -13.21 -7.72 -3.49
N LEU A 113 -13.48 -8.90 -4.04
CA LEU A 113 -13.07 -9.27 -5.42
C LEU A 113 -13.93 -8.66 -6.55
N GLU A 114 -14.99 -7.94 -6.21
CA GLU A 114 -15.70 -7.12 -7.18
C GLU A 114 -15.22 -5.69 -7.13
N GLY A 115 -14.15 -5.42 -6.36
CA GLY A 115 -13.68 -4.08 -6.13
C GLY A 115 -14.58 -3.18 -5.28
N GLN A 116 -15.51 -3.73 -4.51
CA GLN A 116 -16.26 -2.90 -3.57
C GLN A 116 -15.73 -2.90 -2.11
N ALA A 117 -15.84 -1.74 -1.51
CA ALA A 117 -15.36 -1.45 -0.17
C ALA A 117 -16.34 -1.94 0.86
N PHE A 118 -15.85 -2.34 2.02
CA PHE A 118 -16.74 -2.78 3.09
C PHE A 118 -16.06 -2.47 4.38
N GLU A 119 -16.85 -2.51 5.42
CA GLU A 119 -16.36 -2.20 6.74
C GLU A 119 -17.12 -3.05 7.69
N ILE A 120 -16.41 -3.80 8.51
CA ILE A 120 -17.07 -4.71 9.44
C ILE A 120 -16.34 -4.59 10.75
N GLU A 121 -17.04 -4.91 11.84
CA GLU A 121 -16.42 -5.03 13.18
C GLU A 121 -16.20 -6.52 13.41
N ALA A 122 -15.10 -6.85 14.06
CA ALA A 122 -14.67 -8.26 14.25
C ALA A 122 -14.32 -8.56 15.68
N ASP A 123 -14.82 -9.68 16.16
CA ASP A 123 -14.36 -10.25 17.43
C ASP A 123 -13.97 -11.70 17.18
N GLY A 124 -13.68 -12.42 18.27
CA GLY A 124 -13.47 -13.85 18.21
C GLY A 124 -12.33 -14.26 17.27
N LEU A 125 -12.58 -15.34 16.53
CA LEU A 125 -11.57 -15.94 15.67
C LEU A 125 -11.23 -14.99 14.54
N LEU A 126 -12.25 -14.31 14.03
CA LEU A 126 -12.07 -13.23 13.03
C LEU A 126 -11.08 -12.16 13.42
N ALA A 127 -11.17 -11.57 14.60
CA ALA A 127 -10.17 -10.55 15.03
C ALA A 127 -8.74 -11.11 15.12
N VAL A 128 -8.58 -12.34 15.58
CA VAL A 128 -7.23 -12.91 15.71
C VAL A 128 -6.67 -13.05 14.30
N CYS A 129 -7.46 -13.62 13.41
CA CYS A 129 -6.98 -14.04 12.10
C CYS A 129 -6.66 -12.87 11.21
N ILE A 130 -7.56 -11.86 11.16
CA ILE A 130 -7.29 -10.66 10.37
C ILE A 130 -6.01 -9.94 10.85
N GLN A 131 -5.78 -9.95 12.12
CA GLN A 131 -4.60 -9.30 12.63
C GLN A 131 -3.34 -10.08 12.28
N HIS A 132 -3.45 -11.41 12.36
CA HIS A 132 -2.35 -12.27 11.99
C HIS A 132 -2.00 -12.07 10.53
N GLU A 133 -3.01 -12.06 9.65
CA GLU A 133 -2.73 -11.90 8.22
C GLU A 133 -2.24 -10.49 7.77
N MET A 134 -2.75 -9.45 8.40
CA MET A 134 -2.28 -8.08 8.19
C MET A 134 -0.79 -7.94 8.57
N ASP A 135 -0.41 -8.61 9.64
CA ASP A 135 1.03 -8.75 9.98
C ASP A 135 1.85 -9.26 8.83
N HIS A 136 1.38 -10.27 8.09
CA HIS A 136 2.12 -10.79 6.93
C HIS A 136 2.37 -9.74 5.86
N LEU A 137 1.34 -8.92 5.65
CA LEU A 137 1.42 -7.81 4.75
C LEU A 137 2.41 -6.71 5.15
N ASN A 138 2.70 -6.59 6.43
CA ASN A 138 3.75 -5.75 6.97
C ASN A 138 5.10 -6.51 7.28
N GLY A 139 5.30 -7.64 6.62
CA GLY A 139 6.44 -8.53 6.80
C GLY A 139 6.66 -9.15 8.15
N LYS A 140 5.59 -9.37 8.92
CA LYS A 140 5.69 -9.93 10.25
C LYS A 140 5.01 -11.31 10.42
N LEU A 141 5.62 -12.10 11.32
CA LEU A 141 5.18 -13.43 11.62
C LEU A 141 4.85 -13.54 13.09
N PHE A 142 3.95 -14.47 13.46
CA PHE A 142 3.47 -14.57 14.85
C PHE A 142 4.54 -15.04 15.87
N VAL A 143 5.60 -15.66 15.33
CA VAL A 143 6.81 -16.01 16.07
C VAL A 143 7.63 -14.81 16.61
N ASP A 144 7.63 -13.71 15.86
CA ASP A 144 8.14 -12.39 16.36
C ASP A 144 7.60 -11.91 17.75
N TYR A 145 6.40 -12.36 18.14
CA TYR A 145 5.83 -12.12 19.48
C TYR A 145 6.18 -13.16 20.53
N LEU A 146 6.73 -14.32 20.13
CA LEU A 146 7.25 -15.32 21.06
C LEU A 146 8.69 -15.00 21.52
N SER A 147 9.08 -15.56 22.69
CA SER A 147 10.45 -15.48 23.23
C SER A 147 11.45 -16.11 22.25
N PRO A 148 12.66 -15.49 22.06
CA PRO A 148 13.61 -16.03 21.04
C PRO A 148 14.07 -17.51 21.15
N LEU A 149 13.94 -18.15 22.31
CA LEU A 149 14.28 -19.59 22.40
C LEU A 149 13.15 -20.45 21.78
N LYS A 150 11.90 -20.01 21.94
CA LYS A 150 10.80 -20.57 21.16
C LYS A 150 10.93 -20.32 19.61
N ARG A 151 11.53 -19.19 19.23
CA ARG A 151 11.75 -18.83 17.82
C ARG A 151 12.79 -19.69 17.11
N GLN A 152 14.02 -19.75 17.62
CA GLN A 152 15.06 -20.62 17.01
C GLN A 152 14.64 -22.10 17.06
N ARG A 153 13.93 -22.51 18.10
CA ARG A 153 13.37 -23.84 18.18
C ARG A 153 12.27 -24.09 17.13
N ALA A 154 11.38 -23.11 16.92
CA ALA A 154 10.39 -23.23 15.85
C ALA A 154 11.15 -23.31 14.53
N ARG A 155 12.19 -22.48 14.38
CA ARG A 155 13.01 -22.46 13.16
C ARG A 155 13.73 -23.78 12.85
N GLU A 156 14.18 -24.45 13.89
CA GLU A 156 14.90 -25.71 13.71
C GLU A 156 13.90 -26.77 13.38
N LYS A 157 12.73 -26.72 14.02
CA LYS A 157 11.69 -27.67 13.67
C LYS A 157 11.22 -27.47 12.21
N VAL A 158 11.03 -26.21 11.80
CA VAL A 158 10.51 -25.91 10.48
C VAL A 158 11.44 -26.40 9.37
N GLU A 159 12.72 -26.14 9.51
CA GLU A 159 13.72 -26.58 8.56
C GLU A 159 13.74 -28.09 8.45
N LYS A 160 13.55 -28.77 9.57
CA LYS A 160 13.31 -30.23 9.56
C LYS A 160 12.10 -30.62 8.76
N ILE A 161 10.98 -29.95 9.03
CA ILE A 161 9.71 -30.24 8.37
C ILE A 161 9.82 -29.96 6.85
N VAL A 162 10.48 -28.87 6.49
CA VAL A 162 10.67 -28.53 5.07
C VAL A 162 11.52 -29.63 4.37
N ARG A 163 12.54 -30.09 5.04
CA ARG A 163 13.40 -31.13 4.51
C ARG A 163 12.69 -32.46 4.29
N GLN A 164 11.84 -32.88 5.25
CA GLN A 164 10.96 -34.05 5.07
C GLN A 164 9.97 -33.91 3.98
N ARG A 165 9.43 -32.73 3.82
CA ARG A 165 8.50 -32.54 2.72
C ARG A 165 9.25 -32.70 1.38
N GLU A 166 10.49 -32.23 1.30
CA GLU A 166 11.33 -32.45 0.08
C GLU A 166 11.58 -33.94 -0.12
N ARG A 167 12.09 -34.58 0.93
CA ARG A 167 12.22 -36.05 0.99
C ARG A 167 10.98 -36.89 0.60
N GLU A 168 9.80 -36.47 1.06
CA GLU A 168 8.52 -37.07 0.67
C GLU A 168 8.21 -36.97 -0.84
N LYS A 169 8.65 -35.89 -1.48
CA LYS A 169 8.45 -35.79 -2.92
C LYS A 169 9.37 -36.76 -3.72
N VAL A 170 10.52 -37.14 -3.18
CA VAL A 170 11.43 -38.06 -3.89
C VAL A 170 10.97 -39.52 -3.78
N ALA A 171 10.38 -39.87 -2.63
CA ALA A 171 9.89 -41.24 -2.33
C ALA A 171 8.92 -41.87 -3.38
N LEU B 1 15.92 7.30 -13.25
CA LEU B 1 14.61 7.83 -12.76
C LEU B 1 14.90 8.69 -11.55
N LEU B 2 14.31 9.89 -11.49
CA LEU B 2 14.54 10.81 -10.37
C LEU B 2 14.10 10.19 -9.03
N PRO B 3 14.90 10.39 -7.97
CA PRO B 3 14.42 9.91 -6.67
C PRO B 3 13.27 10.79 -6.10
N ILE B 4 12.26 10.14 -5.49
CA ILE B 4 11.13 10.83 -4.87
C ILE B 4 11.39 10.96 -3.38
N LEU B 5 11.30 12.17 -2.86
CA LEU B 5 11.40 12.42 -1.43
C LEU B 5 10.29 11.74 -0.70
N SER B 6 10.62 11.32 0.52
CA SER B 6 9.68 10.58 1.37
C SER B 6 9.37 11.28 2.67
N PHE B 7 8.11 11.27 3.04
CA PHE B 7 7.69 11.73 4.34
C PHE B 7 8.53 10.96 5.37
N PRO B 8 9.19 11.57 6.36
CA PRO B 8 8.98 12.96 6.80
C PRO B 8 10.03 13.97 6.34
N ASP B 9 10.71 13.73 5.20
CA ASP B 9 11.79 14.60 4.70
C ASP B 9 11.35 16.04 4.79
N PRO B 10 12.15 16.91 5.40
CA PRO B 10 11.66 18.27 5.55
C PRO B 10 11.61 19.07 4.24
N ARG B 11 12.38 18.66 3.25
CA ARG B 11 12.35 19.35 1.96
C ARG B 11 10.95 19.31 1.30
N LEU B 12 10.05 18.43 1.76
CA LEU B 12 8.67 18.36 1.20
C LEU B 12 7.80 19.49 1.73
N ARG B 13 8.32 20.23 2.72
CA ARG B 13 7.60 21.35 3.32
C ARG B 13 7.87 22.67 2.59
N THR B 14 8.94 22.73 1.80
CA THR B 14 9.37 23.88 0.95
C THR B 14 8.26 24.37 0.00
N ILE B 15 8.05 25.69 -0.05
CA ILE B 15 7.06 26.35 -0.91
C ILE B 15 7.78 26.46 -2.23
N ALA B 16 7.16 26.00 -3.31
CA ALA B 16 7.79 26.10 -4.64
C ALA B 16 7.84 27.54 -5.18
N LYS B 17 8.87 27.82 -5.96
CA LYS B 17 9.04 29.08 -6.66
C LYS B 17 8.34 28.99 -8.06
N PRO B 18 7.66 30.09 -8.52
CA PRO B 18 7.17 30.17 -9.92
C PRO B 18 8.21 29.84 -10.98
N VAL B 19 7.80 29.27 -12.11
CA VAL B 19 8.70 29.04 -13.22
C VAL B 19 8.75 30.32 -14.06
N GLU B 20 9.97 30.82 -14.29
CA GLU B 20 10.26 32.06 -15.05
C GLU B 20 9.98 31.91 -16.56
N GLU B 21 10.54 30.87 -17.14
CA GLU B 21 10.32 30.61 -18.56
C GLU B 21 10.24 29.11 -18.70
N VAL B 22 9.32 28.65 -19.52
CA VAL B 22 9.30 27.25 -19.81
C VAL B 22 10.48 27.05 -20.76
N THR B 23 11.67 26.85 -20.16
CA THR B 23 12.93 26.55 -20.89
C THR B 23 13.00 25.06 -21.22
N ASP B 24 14.02 24.65 -21.97
CA ASP B 24 14.13 23.24 -22.31
C ASP B 24 14.62 22.37 -21.14
N GLU B 25 15.24 22.99 -20.13
CA GLU B 25 15.55 22.31 -18.86
C GLU B 25 14.27 21.98 -18.03
N ILE B 26 13.24 22.81 -18.07
CA ILE B 26 11.98 22.42 -17.38
C ILE B 26 11.24 21.40 -18.26
N ARG B 27 11.37 21.51 -19.57
CA ARG B 27 10.81 20.50 -20.45
C ARG B 27 11.38 19.09 -20.21
N GLN B 28 12.69 18.98 -19.99
CA GLN B 28 13.32 17.68 -19.77
C GLN B 28 13.00 17.14 -18.34
N LEU B 29 12.97 18.04 -17.37
CA LEU B 29 12.53 17.74 -15.99
C LEU B 29 11.11 17.18 -16.04
N ALA B 30 10.21 17.83 -16.81
CA ALA B 30 8.83 17.29 -16.93
C ALA B 30 8.77 15.89 -17.51
N ALA B 31 9.58 15.63 -18.56
CA ALA B 31 9.67 14.31 -19.09
C ALA B 31 10.25 13.31 -18.05
N ASP B 32 11.28 13.70 -17.30
CA ASP B 32 11.84 12.84 -16.23
C ASP B 32 10.83 12.59 -15.11
N MET B 33 10.00 13.60 -14.82
CA MET B 33 8.87 13.48 -13.85
C MET B 33 7.83 12.52 -14.30
N PHE B 34 7.40 12.62 -15.56
CA PHE B 34 6.51 11.61 -16.10
C PHE B 34 7.07 10.20 -15.95
N GLU B 35 8.34 10.00 -16.34
CA GLU B 35 8.97 8.66 -16.28
C GLU B 35 8.95 8.13 -14.84
N THR B 36 9.44 8.96 -13.92
CA THR B 36 9.46 8.65 -12.51
C THR B 36 8.06 8.29 -12.07
N MET B 37 7.07 9.13 -12.44
CA MET B 37 5.66 8.90 -12.06
C MET B 37 5.09 7.61 -12.64
N TYR B 38 5.34 7.39 -13.93
CA TYR B 38 4.82 6.19 -14.62
C TYR B 38 5.44 4.90 -14.06
N ALA B 39 6.72 4.98 -13.71
CA ALA B 39 7.43 3.84 -13.13
C ALA B 39 6.84 3.44 -11.77
N ALA B 40 6.43 4.41 -10.97
CA ALA B 40 6.10 4.17 -9.55
C ALA B 40 5.26 2.91 -9.28
N PRO B 41 4.06 2.78 -9.82
CA PRO B 41 3.37 3.72 -10.67
C PRO B 41 2.54 4.76 -9.90
N GLY B 42 2.42 5.97 -10.47
CA GLY B 42 1.54 6.96 -9.91
C GLY B 42 0.80 7.75 -10.95
N ILE B 43 -0.20 8.51 -10.51
CA ILE B 43 -0.96 9.34 -11.44
C ILE B 43 -0.68 10.84 -11.35
N GLY B 44 0.23 11.28 -10.46
CA GLY B 44 0.46 12.70 -10.24
C GLY B 44 1.81 12.85 -9.58
N LEU B 45 2.54 13.89 -9.94
CA LEU B 45 3.77 14.18 -9.23
C LEU B 45 4.08 15.65 -9.36
N ALA B 46 4.42 16.27 -8.21
CA ALA B 46 4.81 17.70 -8.14
C ALA B 46 6.31 17.77 -8.06
N ALA B 47 6.86 18.81 -8.67
CA ALA B 47 8.31 18.96 -8.77
C ALA B 47 8.98 18.97 -7.39
N SER B 48 8.26 19.42 -6.37
CA SER B 48 8.77 19.41 -5.00
C SER B 48 9.13 18.02 -4.52
N GLN B 49 8.39 17.02 -4.98
CA GLN B 49 8.60 15.63 -4.63
C GLN B 49 9.90 15.04 -5.16
N VAL B 50 10.48 15.65 -6.19
CA VAL B 50 11.80 15.26 -6.69
C VAL B 50 12.85 16.31 -6.35
N ASP B 51 12.57 17.07 -5.31
CA ASP B 51 13.44 18.11 -4.74
C ASP B 51 13.82 19.21 -5.76
N ARG B 52 12.84 19.61 -6.55
CA ARG B 52 12.99 20.75 -7.43
C ARG B 52 11.82 21.64 -7.08
N HIS B 53 12.11 22.69 -6.33
CA HIS B 53 11.06 23.46 -5.72
C HIS B 53 10.58 24.61 -6.63
N ILE B 54 9.99 24.19 -7.77
CA ILE B 54 9.37 25.05 -8.77
C ILE B 54 7.92 24.62 -9.00
N GLN B 55 7.07 25.54 -9.46
CA GLN B 55 5.63 25.26 -9.62
C GLN B 55 5.38 24.47 -10.95
N LEU B 56 5.68 23.19 -10.89
CA LEU B 56 5.49 22.22 -11.95
C LEU B 56 4.85 20.95 -11.41
N ILE B 57 3.73 20.56 -12.02
CA ILE B 57 3.03 19.35 -11.72
C ILE B 57 2.86 18.53 -13.02
N VAL B 58 3.18 17.25 -13.00
CA VAL B 58 2.79 16.33 -14.09
C VAL B 58 1.72 15.38 -13.58
N MET B 59 0.89 14.93 -14.51
CA MET B 59 -0.32 14.21 -14.14
C MET B 59 -0.73 13.34 -15.37
N ASP B 60 -1.20 12.12 -15.12
CA ASP B 60 -1.81 11.30 -16.16
C ASP B 60 -2.82 10.43 -15.47
N LEU B 61 -4.07 10.82 -15.61
CA LEU B 61 -5.14 10.07 -15.02
C LEU B 61 -5.48 8.79 -15.84
N SER B 62 -4.87 8.57 -17.00
CA SER B 62 -5.36 7.51 -17.92
C SER B 62 -4.91 6.11 -17.55
N GLU B 63 -5.89 5.21 -17.45
CA GLU B 63 -5.66 3.76 -17.32
C GLU B 63 -4.66 3.24 -18.32
N SER B 64 -4.51 3.92 -19.48
CA SER B 64 -3.51 3.58 -20.50
C SER B 64 -2.18 4.28 -20.36
N LYS B 65 -1.99 5.18 -19.39
CA LYS B 65 -0.71 5.90 -19.24
C LYS B 65 -0.35 6.65 -20.52
N ASP B 66 -1.38 7.15 -21.20
CA ASP B 66 -1.24 7.86 -22.48
C ASP B 66 -2.04 9.18 -22.60
N GLU B 67 -2.62 9.69 -21.49
CA GLU B 67 -3.14 11.10 -21.42
C GLU B 67 -2.32 12.01 -20.47
N PRO B 68 -1.10 12.36 -20.85
CA PRO B 68 -0.30 13.22 -19.97
C PRO B 68 -0.74 14.74 -19.94
N MET B 69 -0.70 15.37 -18.76
CA MET B 69 -1.08 16.76 -18.53
C MET B 69 0.01 17.48 -17.75
N VAL B 70 0.26 18.75 -18.06
CA VAL B 70 1.24 19.55 -17.35
C VAL B 70 0.59 20.81 -16.84
N PHE B 71 0.91 21.18 -15.60
CA PHE B 71 0.44 22.43 -15.03
C PHE B 71 1.69 23.17 -14.51
N ILE B 72 1.92 24.37 -15.04
CA ILE B 72 3.01 25.23 -14.59
C ILE B 72 2.39 26.51 -14.05
N ASN B 73 2.89 26.95 -12.88
CA ASN B 73 2.39 28.09 -12.12
C ASN B 73 0.90 28.05 -11.91
N PRO B 74 0.41 26.94 -11.35
CA PRO B 74 -1.05 26.82 -11.39
C PRO B 74 -1.80 27.60 -10.32
N LYS B 75 -3.06 27.94 -10.62
CA LYS B 75 -3.98 28.59 -9.72
C LYS B 75 -5.23 27.82 -9.67
N VAL B 76 -5.57 27.40 -8.47
CA VAL B 76 -6.71 26.55 -8.24
C VAL B 76 -7.68 27.34 -7.37
N THR B 77 -8.96 27.36 -7.79
CA THR B 77 -10.01 28.10 -7.11
C THR B 77 -11.23 27.22 -7.02
N PRO B 78 -11.69 26.96 -5.79
CA PRO B 78 -12.84 26.09 -5.66
C PRO B 78 -14.04 26.78 -6.26
N LEU B 79 -14.86 26.01 -6.95
CA LEU B 79 -16.19 26.42 -7.38
C LEU B 79 -17.18 25.77 -6.39
N THR B 80 -16.93 25.97 -5.09
CA THR B 80 -17.54 25.15 -4.03
C THR B 80 -19.01 24.87 -4.25
N THR B 83 -17.77 19.54 -0.69
CA THR B 83 -16.62 18.64 -0.82
C THR B 83 -17.05 17.19 -1.17
N GLN B 84 -16.08 16.37 -1.61
CA GLN B 84 -16.30 14.94 -1.96
C GLN B 84 -15.24 14.08 -1.25
N PRO B 85 -15.58 12.83 -0.88
CA PRO B 85 -14.53 11.97 -0.33
C PRO B 85 -13.75 11.26 -1.41
N TYR B 86 -12.46 11.03 -1.17
CA TYR B 86 -11.68 10.19 -2.04
C TYR B 86 -10.48 9.55 -1.33
N GLU B 87 -10.19 8.30 -1.71
CA GLU B 87 -9.10 7.54 -1.15
C GLU B 87 -7.77 7.98 -1.79
N GLU B 88 -7.10 8.95 -1.18
CA GLU B 88 -5.83 9.48 -1.70
C GLU B 88 -4.63 8.68 -1.27
N GLY B 89 -3.73 8.42 -2.22
CA GLY B 89 -2.33 8.17 -1.92
C GLY B 89 -1.38 9.25 -2.45
N CYS B 90 -0.10 8.86 -2.51
CA CYS B 90 0.99 9.81 -2.73
C CYS B 90 2.31 9.08 -2.78
N LEU B 91 3.04 9.25 -3.87
CA LEU B 91 4.34 8.66 -4.03
C LEU B 91 5.33 9.11 -2.98
N SER B 92 5.13 10.23 -2.34
CA SER B 92 5.95 10.66 -1.23
C SER B 92 5.46 10.15 0.15
N VAL B 93 4.33 9.44 0.17
CA VAL B 93 3.85 8.66 1.35
C VAL B 93 3.56 7.23 0.88
N PRO B 94 4.62 6.54 0.45
CA PRO B 94 4.43 5.30 -0.33
C PRO B 94 3.55 4.19 0.32
N GLN B 95 2.63 3.61 -0.48
CA GLN B 95 1.83 2.43 -0.05
C GLN B 95 1.04 2.73 1.24
N ILE B 96 0.57 3.97 1.35
CA ILE B 96 -0.32 4.46 2.41
C ILE B 96 -1.46 5.19 1.69
N TYR B 97 -2.70 4.71 1.85
CA TYR B 97 -3.89 5.32 1.25
C TYR B 97 -4.98 5.65 2.28
N ASP B 98 -5.59 6.83 2.21
CA ASP B 98 -6.69 7.18 3.12
C ASP B 98 -7.70 8.15 2.49
N LYS B 99 -8.83 8.36 3.18
CA LYS B 99 -9.89 9.29 2.77
C LYS B 99 -9.55 10.74 3.12
N VAL B 100 -9.52 11.63 2.11
CA VAL B 100 -9.47 13.10 2.34
C VAL B 100 -10.64 13.78 1.61
N ASP B 101 -11.12 14.87 2.23
CA ASP B 101 -12.33 15.61 1.82
C ASP B 101 -11.99 17.03 1.33
N ARG B 102 -12.21 17.23 0.03
CA ARG B 102 -11.76 18.43 -0.68
C ARG B 102 -12.93 18.98 -1.53
N PRO B 103 -12.97 20.30 -1.73
CA PRO B 103 -13.91 20.82 -2.72
C PRO B 103 -14.01 19.97 -3.99
N SER B 104 -15.24 19.64 -4.37
CA SER B 104 -15.50 18.67 -5.46
C SER B 104 -15.44 19.25 -6.86
N ARG B 105 -15.44 20.57 -6.98
CA ARG B 105 -15.40 21.24 -8.29
C ARG B 105 -14.51 22.42 -8.16
N VAL B 106 -13.60 22.59 -9.11
CA VAL B 106 -12.61 23.67 -9.06
C VAL B 106 -12.30 24.14 -10.45
N LYS B 107 -11.70 25.31 -10.51
CA LYS B 107 -11.23 25.90 -11.72
C LYS B 107 -9.72 25.90 -11.68
N ILE B 108 -9.08 25.50 -12.77
CA ILE B 108 -7.63 25.51 -12.88
C ILE B 108 -7.19 26.46 -13.96
N GLU B 109 -6.27 27.37 -13.62
CA GLU B 109 -5.52 28.19 -14.54
C GLU B 109 -4.06 27.89 -14.40
N ALA B 110 -3.38 27.65 -15.51
CA ALA B 110 -1.93 27.33 -15.49
C ALA B 110 -1.33 27.54 -16.86
N ILE B 111 -0.02 27.34 -17.01
CA ILE B 111 0.58 27.34 -18.35
C ILE B 111 0.99 25.91 -18.69
N ASN B 112 1.09 25.62 -19.99
CA ASN B 112 1.54 24.33 -20.47
C ASN B 112 3.03 24.43 -20.80
N LEU B 113 3.61 23.36 -21.35
CA LEU B 113 5.08 23.31 -21.71
C LEU B 113 5.55 24.15 -22.92
N GLU B 114 4.59 24.82 -23.58
CA GLU B 114 4.86 25.77 -24.64
C GLU B 114 4.80 27.18 -24.12
N GLY B 115 4.64 27.36 -22.81
CA GLY B 115 4.36 28.64 -22.24
C GLY B 115 2.97 29.21 -22.48
N GLN B 116 2.03 28.41 -23.02
CA GLN B 116 0.63 28.86 -23.18
C GLN B 116 -0.23 28.71 -21.91
N ALA B 117 -0.99 29.75 -21.64
CA ALA B 117 -1.97 29.80 -20.55
C ALA B 117 -3.27 29.09 -20.91
N PHE B 118 -3.92 28.48 -19.92
CA PHE B 118 -5.17 27.78 -20.15
C PHE B 118 -5.98 27.85 -18.89
N GLU B 119 -7.24 27.52 -19.03
CA GLU B 119 -8.16 27.62 -17.93
C GLU B 119 -9.19 26.57 -18.14
N ILE B 120 -9.36 25.69 -17.18
CA ILE B 120 -10.32 24.60 -17.32
C ILE B 120 -11.03 24.49 -16.00
N GLU B 121 -12.26 23.95 -16.03
CA GLU B 121 -12.95 23.56 -14.81
C GLU B 121 -12.82 22.05 -14.65
N ALA B 122 -12.73 21.62 -13.40
CA ALA B 122 -12.50 20.20 -13.09
C ALA B 122 -13.45 19.65 -12.07
N ASP B 123 -13.93 18.44 -12.31
CA ASP B 123 -14.65 17.67 -11.27
C ASP B 123 -13.93 16.35 -11.11
N GLY B 124 -14.47 15.51 -10.22
CA GLY B 124 -14.04 14.13 -10.14
C GLY B 124 -12.54 13.96 -9.78
N LEU B 125 -11.90 13.03 -10.50
CA LEU B 125 -10.56 12.59 -10.15
C LEU B 125 -9.58 13.72 -10.39
N LEU B 126 -9.75 14.40 -11.52
CA LEU B 126 -9.05 15.66 -11.81
C LEU B 126 -9.12 16.69 -10.71
N ALA B 127 -10.29 17.02 -10.18
CA ALA B 127 -10.35 17.99 -9.06
C ALA B 127 -9.59 17.53 -7.79
N VAL B 128 -9.65 16.23 -7.48
CA VAL B 128 -8.97 15.75 -6.27
C VAL B 128 -7.46 15.87 -6.50
N CYS B 129 -6.99 15.47 -7.66
CA CYS B 129 -5.56 15.37 -7.92
C CYS B 129 -4.89 16.70 -8.01
N ILE B 130 -5.54 17.68 -8.67
CA ILE B 130 -4.93 19.01 -8.78
C ILE B 130 -4.81 19.68 -7.38
N GLN B 131 -5.76 19.42 -6.52
CA GLN B 131 -5.71 19.98 -5.20
C GLN B 131 -4.57 19.35 -4.42
N HIS B 132 -4.44 18.03 -4.55
CA HIS B 132 -3.40 17.30 -3.91
C HIS B 132 -2.04 17.79 -4.37
N GLU B 133 -1.84 17.93 -5.66
CA GLU B 133 -0.54 18.38 -6.14
C GLU B 133 -0.19 19.87 -5.84
N MET B 134 -1.19 20.73 -5.87
CA MET B 134 -1.03 22.11 -5.45
C MET B 134 -0.63 22.21 -3.97
N ASP B 135 -1.23 21.35 -3.15
CA ASP B 135 -0.73 21.20 -1.77
C ASP B 135 0.76 20.98 -1.71
N HIS B 136 1.34 20.10 -2.54
CA HIS B 136 2.82 19.88 -2.53
C HIS B 136 3.64 21.14 -2.78
N LEU B 137 3.10 21.98 -3.67
CA LEU B 137 3.69 23.24 -4.03
C LEU B 137 3.65 24.28 -2.89
N ASN B 138 2.69 24.14 -1.98
CA ASN B 138 2.59 24.89 -0.74
C ASN B 138 3.08 24.08 0.51
N GLY B 139 4.06 23.20 0.28
CA GLY B 139 4.66 22.33 1.29
C GLY B 139 3.75 21.45 2.13
N LYS B 140 2.62 21.00 1.56
CA LYS B 140 1.62 20.21 2.25
C LYS B 140 1.42 18.80 1.70
N LEU B 141 1.17 17.86 2.64
CA LEU B 141 0.96 16.47 2.31
C LEU B 141 -0.41 16.07 2.76
N PHE B 142 -1.00 15.06 2.12
CA PHE B 142 -2.39 14.65 2.35
C PHE B 142 -2.62 14.03 3.76
N VAL B 143 -1.55 13.51 4.34
CA VAL B 143 -1.47 13.11 5.75
C VAL B 143 -1.71 14.23 6.77
N ASP B 144 -1.30 15.46 6.46
CA ASP B 144 -1.63 16.63 7.29
C ASP B 144 -3.14 16.85 7.58
N TYR B 145 -4.01 16.24 6.77
CA TYR B 145 -5.48 16.18 7.01
C TYR B 145 -5.98 14.96 7.76
N LEU B 146 -5.16 13.90 7.90
CA LEU B 146 -5.53 12.74 8.72
C LEU B 146 -5.29 13.04 10.22
N SER B 147 -5.92 12.24 11.09
CA SER B 147 -5.69 12.29 12.55
C SER B 147 -4.22 11.92 12.86
N PRO B 148 -3.57 12.60 13.86
CA PRO B 148 -2.12 12.33 14.12
C PRO B 148 -1.69 10.90 14.51
N LEU B 149 -2.59 10.02 14.95
CA LEU B 149 -2.24 8.59 15.14
C LEU B 149 -2.09 7.89 13.78
N LYS B 150 -2.95 8.27 12.82
CA LYS B 150 -2.78 7.80 11.44
C LYS B 150 -1.49 8.36 10.78
N ARG B 151 -1.07 9.56 11.17
CA ARG B 151 0.16 10.19 10.67
C ARG B 151 1.45 9.54 11.19
N GLN B 152 1.53 9.24 12.50
CA GLN B 152 2.74 8.57 13.04
C GLN B 152 2.81 7.14 12.51
N ARG B 153 1.66 6.49 12.35
CA ARG B 153 1.61 5.15 11.80
C ARG B 153 2.05 5.16 10.34
N ALA B 154 1.67 6.22 9.61
CA ALA B 154 2.08 6.34 8.20
C ALA B 154 3.58 6.55 8.18
N ARG B 155 4.09 7.44 9.07
CA ARG B 155 5.52 7.72 9.20
C ARG B 155 6.36 6.48 9.54
N GLU B 156 5.82 5.58 10.36
CA GLU B 156 6.59 4.40 10.77
C GLU B 156 6.53 3.39 9.67
N LYS B 157 5.38 3.27 9.01
CA LYS B 157 5.30 2.37 7.88
C LYS B 157 6.25 2.87 6.76
N VAL B 158 6.19 4.16 6.43
CA VAL B 158 7.01 4.70 5.36
C VAL B 158 8.52 4.47 5.57
N GLU B 159 9.00 4.75 6.77
CA GLU B 159 10.42 4.58 7.07
C GLU B 159 10.84 3.10 6.98
N LYS B 160 9.93 2.20 7.32
CA LYS B 160 10.08 0.76 7.03
C LYS B 160 10.20 0.48 5.55
N ILE B 161 9.27 1.06 4.77
CA ILE B 161 9.22 0.84 3.32
C ILE B 161 10.49 1.40 2.63
N VAL B 162 10.97 2.55 3.13
CA VAL B 162 12.16 3.19 2.59
C VAL B 162 13.39 2.31 2.87
N ARG B 163 13.46 1.83 4.09
CA ARG B 163 14.50 0.92 4.54
C ARG B 163 14.59 -0.34 3.71
N GLN B 164 13.42 -0.95 3.39
CA GLN B 164 13.38 -2.13 2.52
C GLN B 164 13.75 -1.82 1.11
N ARG B 165 13.39 -0.66 0.63
CA ARG B 165 13.80 -0.33 -0.74
C ARG B 165 15.34 -0.19 -0.82
N GLU B 166 15.95 0.34 0.21
CA GLU B 166 17.44 0.42 0.30
C GLU B 166 18.04 -0.98 0.31
N ARG B 167 17.54 -1.79 1.23
CA ARG B 167 17.84 -3.24 1.27
C ARG B 167 17.63 -4.02 -0.04
N GLU B 168 16.53 -3.80 -0.75
CA GLU B 168 16.33 -4.37 -2.10
C GLU B 168 17.43 -3.97 -3.11
N LYS B 169 17.95 -2.75 -3.01
CA LYS B 169 19.06 -2.36 -3.87
C LYS B 169 20.41 -3.06 -3.59
N VAL B 170 20.67 -3.50 -2.36
CA VAL B 170 21.93 -4.22 -2.07
C VAL B 170 21.91 -5.69 -2.59
N ALA B 171 20.71 -6.24 -2.87
CA ALA B 171 20.47 -7.34 -3.91
C ALA B 171 21.38 -8.55 -3.86
ZN ZN C . 0.45 -16.73 8.94
ZN ZN D . 1.41 13.61 -3.37
O K3U E . -2.71 5.81 -6.22
C K3U E . -2.08 5.82 -7.25
C13 K3U E . -2.68 5.17 -8.49
C14 K3U E . -1.89 4.80 -9.59
C15 K3U E . -2.49 4.21 -10.72
C16 K3U E . -3.88 3.97 -10.76
C17 K3U E . -4.66 4.33 -9.66
C18 K3U E . -4.06 4.92 -8.54
C1 K3U E . -0.74 6.50 -7.28
S K3U E . -0.53 7.81 -6.10
C2 K3U E . -0.32 9.26 -6.90
O1 K3U E . -0.23 9.26 -8.11
C3 K3U E . -0.26 10.61 -6.25
C11 K3U E . 1.08 11.23 -6.68
C12 K3U E . 2.10 11.94 -5.79
F1 K3U E . 2.53 11.15 -4.88
F K3U E . 1.79 13.25 -5.39
F2 K3U E . 3.23 11.72 -6.42
C4 K3U E . -1.41 11.46 -6.81
C5 K3U E . -2.75 11.09 -6.20
C6 K3U E . -3.25 9.77 -6.13
C7 K3U E . -4.48 9.48 -5.54
C8 K3U E . -5.22 10.53 -5.02
C9 K3U E . -4.74 11.85 -5.09
C10 K3U E . -3.51 12.12 -5.67
#